data_7THC
#
_entry.id   7THC
#
_cell.length_a   38.564
_cell.length_b   67.190
_cell.length_c   69.580
_cell.angle_alpha   90.000
_cell.angle_beta   90.000
_cell.angle_gamma   90.000
#
_symmetry.space_group_name_H-M   'P 2 21 21'
#
loop_
_entity.id
_entity.type
_entity.pdbx_description
1 polymer 'Peptidyl-prolyl cis-trans isomerase F, mitochondrial'
2 non-polymer "3-(4'-{[(4S,7S,11R,13E,19S)-19-{[2-(2-aminoethoxy)ethyl]carbamoyl}-7-benzyl-3,6,12,15,21-pentaoxo-1,3,4,5,6,7,8,9,10,12,15,16,17,18,19,20,21,22-octadecahydro-2H-7,11-methano-2,5,11,16,20-benzopentaazacyclotetracosin-4-yl]methyl}[1,1'-biphenyl]-4-yl)prop-2-ynoic acid"
3 water water
#
_entity_poly.entity_id   1
_entity_poly.type   'polypeptide(L)'
_entity_poly.pdbx_seq_one_letter_code
;NPLVYLDVDANGKPLGRVVLELKADVVPKTAENFRALCTGEKGFGYKGSTFHRVIPSFMCQAGDFTNHNGTGGKSIYGSR
FPDENFTLKHVGPGVLSMANAGPNTNGSQFFICTIKTDWLDGKHVVFGHVIEGMDVVKKIESFGSKSGRTSKKIVITDCG
QLS
;
_entity_poly.pdbx_strand_id   A
#
# COMPACT_ATOMS: atom_id res chain seq x y z
N ASN A 1 -18.03 0.58 2.89
CA ASN A 1 -16.58 0.40 2.87
C ASN A 1 -15.84 1.71 3.09
N PRO A 2 -14.82 1.69 3.93
CA PRO A 2 -14.06 2.92 4.18
C PRO A 2 -13.32 3.41 2.93
N LEU A 3 -13.24 4.72 2.81
CA LEU A 3 -12.39 5.38 1.84
C LEU A 3 -11.26 6.09 2.57
N VAL A 4 -10.02 5.89 2.10
CA VAL A 4 -8.85 6.54 2.67
C VAL A 4 -8.08 7.19 1.53
N TYR A 5 -7.14 8.07 1.89
CA TYR A 5 -6.34 8.75 0.89
C TYR A 5 -4.88 8.76 1.26
N LEU A 6 -4.05 8.80 0.22
CA LEU A 6 -2.62 9.05 0.30
C LEU A 6 -2.31 10.27 -0.58
N ASP A 7 -1.74 11.31 0.01
CA ASP A 7 -1.19 12.43 -0.75
C ASP A 7 0.31 12.20 -0.89
N VAL A 8 0.78 12.13 -2.14
CA VAL A 8 2.13 11.66 -2.44
C VAL A 8 2.95 12.76 -3.08
N ASP A 9 4.21 12.88 -2.67
CA ASP A 9 5.14 13.82 -3.29
C ASP A 9 6.37 13.08 -3.80
N ALA A 10 7.07 13.74 -4.72
CA ALA A 10 8.37 13.28 -5.23
C ALA A 10 9.39 14.38 -5.05
N ASN A 11 10.43 14.11 -4.25
CA ASN A 11 11.44 15.11 -3.91
C ASN A 11 10.80 16.43 -3.50
N GLY A 12 9.73 16.34 -2.71
CA GLY A 12 9.05 17.51 -2.19
C GLY A 12 7.96 18.08 -3.06
N LYS A 13 7.84 17.63 -4.32
CA LYS A 13 6.84 18.17 -5.25
C LYS A 13 5.58 17.32 -5.19
N PRO A 14 4.43 17.90 -4.85
CA PRO A 14 3.20 17.09 -4.80
C PRO A 14 2.87 16.47 -6.14
N LEU A 15 2.52 15.18 -6.10
CA LEU A 15 2.05 14.45 -7.26
C LEU A 15 0.53 14.37 -7.33
N GLY A 16 -0.14 14.50 -6.19
CA GLY A 16 -1.59 14.43 -6.13
C GLY A 16 -2.04 13.37 -5.14
N ARG A 17 -3.34 13.10 -5.18
CA ARG A 17 -4.01 12.27 -4.19
C ARG A 17 -4.45 10.95 -4.79
N VAL A 18 -4.18 9.86 -4.07
CA VAL A 18 -4.72 8.54 -4.38
C VAL A 18 -5.83 8.25 -3.37
N VAL A 19 -7.03 7.95 -3.87
CA VAL A 19 -8.13 7.53 -3.02
C VAL A 19 -8.31 6.03 -3.16
N LEU A 20 -8.40 5.33 -2.02
CA LEU A 20 -8.49 3.88 -1.97
C LEU A 20 -9.78 3.48 -1.28
N GLU A 21 -10.54 2.59 -1.91
CA GLU A 21 -11.66 1.94 -1.24
C GLU A 21 -11.16 0.66 -0.59
N LEU A 22 -11.42 0.51 0.70
CA LEU A 22 -11.00 -0.65 1.46
C LEU A 22 -12.16 -1.63 1.59
N LYS A 23 -11.92 -2.89 1.24
CA LYS A 23 -12.98 -3.89 1.15
C LYS A 23 -13.24 -4.53 2.52
N ALA A 24 -13.72 -3.68 3.44
CA ALA A 24 -14.07 -4.18 4.77
C ALA A 24 -15.19 -5.20 4.71
N ASP A 25 -15.99 -5.18 3.65
CA ASP A 25 -17.06 -6.16 3.47
C ASP A 25 -16.52 -7.57 3.23
N VAL A 26 -15.25 -7.72 2.88
CA VAL A 26 -14.66 -9.01 2.58
C VAL A 26 -13.49 -9.34 3.51
N VAL A 27 -12.65 -8.36 3.80
CA VAL A 27 -11.48 -8.54 4.65
C VAL A 27 -11.47 -7.46 5.73
N PRO A 28 -12.35 -7.55 6.73
CA PRO A 28 -12.48 -6.45 7.70
C PRO A 28 -11.25 -6.21 8.56
N LYS A 29 -10.56 -7.27 8.99
CA LYS A 29 -9.40 -7.07 9.85
C LYS A 29 -8.24 -6.42 9.10
N THR A 30 -8.04 -6.83 7.85
CA THR A 30 -6.99 -6.26 7.02
C THR A 30 -7.32 -4.82 6.66
N ALA A 31 -8.57 -4.56 6.28
CA ALA A 31 -8.98 -3.18 5.97
C ALA A 31 -8.79 -2.27 7.17
N GLU A 32 -9.15 -2.75 8.37
CA GLU A 32 -9.08 -1.91 9.56
C GLU A 32 -7.64 -1.54 9.89
N ASN A 33 -6.72 -2.50 9.77
CA ASN A 33 -5.31 -2.22 9.97
C ASN A 33 -4.84 -1.07 9.08
N PHE A 34 -5.11 -1.16 7.78
CA PHE A 34 -4.70 -0.11 6.85
C PHE A 34 -5.38 1.21 7.17
N ARG A 35 -6.68 1.17 7.44
CA ARG A 35 -7.42 2.39 7.78
C ARG A 35 -6.76 3.13 8.95
N ALA A 36 -6.50 2.41 10.04
CA ALA A 36 -5.95 3.04 11.23
C ALA A 36 -4.55 3.59 10.98
N LEU A 37 -3.75 2.88 10.16
CA LEU A 37 -2.41 3.35 9.85
C LEU A 37 -2.44 4.58 8.94
N CYS A 38 -3.51 4.74 8.15
CA CYS A 38 -3.70 5.95 7.36
C CYS A 38 -4.09 7.14 8.24
N THR A 39 -5.01 6.94 9.19
CA THR A 39 -5.43 8.07 10.02
C THR A 39 -4.33 8.48 11.01
N GLY A 40 -3.46 7.56 11.39
CA GLY A 40 -2.49 7.83 12.44
C GLY A 40 -3.07 7.83 13.83
N GLU A 41 -4.28 7.31 14.00
CA GLU A 41 -5.00 7.44 15.26
C GLU A 41 -4.33 6.69 16.40
N LYS A 42 -3.44 5.75 16.12
CA LYS A 42 -2.71 5.04 17.17
C LYS A 42 -1.37 5.68 17.47
N GLY A 43 -1.10 6.84 16.90
CA GLY A 43 0.15 7.53 17.15
C GLY A 43 1.28 7.16 16.22
N PHE A 44 1.07 6.23 15.28
CA PHE A 44 2.05 5.86 14.28
C PHE A 44 1.29 5.45 13.02
N GLY A 45 2.01 5.37 11.91
CA GLY A 45 1.34 5.05 10.65
C GLY A 45 2.16 5.51 9.45
N TYR A 46 1.45 5.64 8.33
CA TYR A 46 2.13 5.84 7.07
C TYR A 46 2.60 7.27 6.83
N LYS A 47 2.04 8.27 7.52
CA LYS A 47 2.38 9.65 7.22
C LYS A 47 3.88 9.88 7.36
N GLY A 48 4.49 10.43 6.31
CA GLY A 48 5.91 10.72 6.28
C GLY A 48 6.79 9.61 5.76
N SER A 49 6.25 8.41 5.54
CA SER A 49 7.05 7.29 5.05
C SER A 49 7.00 7.26 3.53
N THR A 50 7.66 6.27 2.92
CA THR A 50 7.96 6.28 1.50
C THR A 50 7.38 5.09 0.74
N PHE A 51 7.31 5.24 -0.59
CA PHE A 51 7.24 4.12 -1.51
C PHE A 51 8.68 3.68 -1.76
N HIS A 52 9.10 2.57 -1.16
CA HIS A 52 10.51 2.21 -1.15
C HIS A 52 10.91 1.26 -2.27
N ARG A 53 9.95 0.60 -2.91
CA ARG A 53 10.24 -0.34 -4.00
CA ARG A 53 10.26 -0.32 -4.01
C ARG A 53 9.17 -0.16 -5.07
N VAL A 54 9.59 0.27 -6.25
CA VAL A 54 8.68 0.60 -7.33
C VAL A 54 9.23 -0.01 -8.60
N ILE A 55 8.49 -0.95 -9.18
CA ILE A 55 8.93 -1.69 -10.35
C ILE A 55 7.91 -1.49 -11.46
N PRO A 56 8.29 -0.87 -12.58
CA PRO A 56 7.31 -0.65 -13.65
C PRO A 56 6.74 -1.96 -14.17
N SER A 57 5.48 -1.87 -14.60
CA SER A 57 4.73 -3.05 -15.06
C SER A 57 4.72 -4.15 -14.01
N PHE A 58 4.66 -3.74 -12.75
CA PHE A 58 4.52 -4.68 -11.64
C PHE A 58 3.70 -4.00 -10.54
N MET A 59 4.35 -3.22 -9.67
CA MET A 59 3.64 -2.63 -8.54
C MET A 59 4.52 -1.57 -7.87
N CYS A 60 3.85 -0.78 -7.02
CA CYS A 60 4.47 0.24 -6.18
C CYS A 60 4.27 -0.17 -4.73
N GLN A 61 5.36 -0.30 -3.97
CA GLN A 61 5.32 -0.85 -2.62
C GLN A 61 5.70 0.19 -1.57
N ALA A 62 4.97 0.19 -0.46
CA ALA A 62 5.16 1.18 0.59
C ALA A 62 4.85 0.54 1.94
N GLY A 63 4.80 1.37 2.99
CA GLY A 63 4.34 0.96 4.29
C GLY A 63 5.40 0.55 5.28
N ASP A 64 6.67 0.57 4.89
CA ASP A 64 7.74 0.24 5.84
C ASP A 64 8.18 1.53 6.54
N PHE A 65 7.38 1.93 7.53
CA PHE A 65 7.66 3.16 8.27
C PHE A 65 8.61 2.96 9.45
N THR A 66 9.15 1.75 9.64
CA THR A 66 10.20 1.56 10.65
C THR A 66 11.60 1.52 10.04
N ASN A 67 11.79 0.81 8.92
CA ASN A 67 13.11 0.67 8.32
C ASN A 67 13.23 1.26 6.93
N HIS A 68 12.12 1.63 6.28
CA HIS A 68 12.13 2.36 5.02
C HIS A 68 12.83 1.62 3.89
N ASN A 69 12.87 0.29 3.98
CA ASN A 69 13.59 -0.47 2.97
C ASN A 69 12.98 -1.83 2.64
N GLY A 70 11.77 -2.13 3.10
CA GLY A 70 11.16 -3.40 2.82
C GLY A 70 11.37 -4.49 3.85
N THR A 71 12.07 -4.20 4.96
CA THR A 71 12.26 -5.19 6.01
C THR A 71 11.35 -4.98 7.22
N GLY A 72 10.66 -3.85 7.30
CA GLY A 72 10.00 -3.49 8.53
C GLY A 72 8.50 -3.24 8.44
N GLY A 73 8.02 -2.42 9.37
CA GLY A 73 6.60 -2.17 9.53
C GLY A 73 6.08 -2.72 10.84
N LYS A 74 4.79 -2.47 11.07
CA LYS A 74 4.14 -2.83 12.31
C LYS A 74 2.63 -2.73 12.13
N SER A 75 1.92 -3.77 12.55
CA SER A 75 0.47 -3.76 12.46
C SER A 75 -0.14 -3.11 13.70
N ILE A 76 -1.47 -2.91 13.66
CA ILE A 76 -2.18 -2.39 14.82
C ILE A 76 -2.55 -3.46 15.83
N TYR A 77 -2.20 -4.72 15.59
CA TYR A 77 -2.65 -5.85 16.39
C TYR A 77 -1.62 -6.37 17.37
N GLY A 78 -0.43 -5.75 17.44
CA GLY A 78 0.60 -6.15 18.37
C GLY A 78 1.51 -7.25 17.89
N SER A 79 1.27 -7.79 16.69
CA SER A 79 2.11 -8.83 16.13
C SER A 79 1.77 -8.95 14.66
N ARG A 80 2.66 -9.60 13.91
CA ARG A 80 2.33 -9.97 12.54
C ARG A 80 1.01 -10.72 12.55
N PHE A 81 0.13 -10.43 11.60
CA PHE A 81 -1.19 -11.04 11.67
C PHE A 81 -1.50 -11.94 10.50
N PRO A 82 -2.41 -12.88 10.69
CA PRO A 82 -2.62 -13.92 9.69
C PRO A 82 -3.26 -13.39 8.42
N ASP A 83 -3.05 -14.14 7.33
CA ASP A 83 -3.78 -13.90 6.10
C ASP A 83 -5.27 -14.13 6.34
N GLU A 84 -6.05 -13.06 6.22
CA GLU A 84 -7.47 -13.13 6.56
C GLU A 84 -8.23 -14.06 5.62
N ASN A 85 -8.05 -13.88 4.32
CA ASN A 85 -8.52 -14.80 3.29
C ASN A 85 -7.84 -14.36 2.01
N PHE A 86 -7.98 -15.19 0.97
CA PHE A 86 -7.45 -14.86 -0.35
C PHE A 86 -8.57 -14.70 -1.37
N THR A 87 -9.72 -14.19 -0.92
CA THR A 87 -10.90 -14.11 -1.77
C THR A 87 -10.68 -13.18 -2.96
N LEU A 88 -10.23 -11.96 -2.70
CA LEU A 88 -10.07 -10.98 -3.76
C LEU A 88 -8.79 -11.26 -4.53
N LYS A 89 -8.84 -11.11 -5.84
CA LYS A 89 -7.68 -11.45 -6.65
C LYS A 89 -7.04 -10.22 -7.27
N HIS A 90 -5.78 -10.40 -7.68
CA HIS A 90 -4.97 -9.34 -8.24
C HIS A 90 -5.39 -9.17 -9.71
N VAL A 91 -6.52 -8.49 -9.90
CA VAL A 91 -7.17 -8.53 -11.21
C VAL A 91 -6.57 -7.55 -12.23
N GLY A 92 -5.81 -6.56 -11.79
CA GLY A 92 -5.32 -5.55 -12.69
C GLY A 92 -4.75 -4.36 -11.96
N PRO A 93 -4.42 -3.32 -12.72
CA PRO A 93 -3.90 -2.09 -12.12
C PRO A 93 -4.86 -1.52 -11.09
N GLY A 94 -4.29 -0.98 -10.01
CA GLY A 94 -5.08 -0.33 -8.99
C GLY A 94 -5.43 -1.20 -7.81
N VAL A 95 -5.16 -2.50 -7.89
CA VAL A 95 -5.42 -3.39 -6.78
C VAL A 95 -4.50 -3.04 -5.62
N LEU A 96 -5.07 -3.00 -4.42
CA LEU A 96 -4.35 -2.73 -3.17
C LEU A 96 -4.23 -4.04 -2.41
N SER A 97 -3.00 -4.39 -2.02
CA SER A 97 -2.72 -5.71 -1.48
C SER A 97 -1.60 -5.64 -0.45
N MET A 98 -1.59 -6.64 0.44
CA MET A 98 -0.63 -6.68 1.53
C MET A 98 0.68 -7.31 1.08
N ALA A 99 1.78 -6.61 1.29
CA ALA A 99 3.08 -7.23 1.16
C ALA A 99 3.32 -8.14 2.35
N ASN A 100 4.19 -9.12 2.17
CA ASN A 100 4.48 -10.03 3.27
C ASN A 100 5.82 -10.69 3.01
N ALA A 101 6.22 -11.52 3.95
CA ALA A 101 7.43 -12.33 3.89
C ALA A 101 7.08 -13.80 4.04
N GLY A 102 5.95 -14.21 3.46
CA GLY A 102 5.47 -15.56 3.58
C GLY A 102 4.12 -15.59 4.28
N PRO A 103 3.61 -16.80 4.51
CA PRO A 103 2.26 -16.93 5.10
C PRO A 103 2.16 -16.26 6.46
N ASN A 104 1.05 -15.55 6.66
CA ASN A 104 0.68 -15.01 7.96
C ASN A 104 1.77 -14.10 8.51
N THR A 105 2.31 -13.24 7.65
CA THR A 105 3.30 -12.23 8.05
C THR A 105 2.86 -10.85 7.58
N ASN A 106 1.59 -10.52 7.83
CA ASN A 106 1.10 -9.18 7.52
C ASN A 106 1.48 -8.21 8.63
N GLY A 107 1.94 -7.04 8.22
CA GLY A 107 2.26 -5.97 9.14
C GLY A 107 1.64 -4.68 8.67
N SER A 108 2.45 -3.80 8.09
CA SER A 108 1.99 -2.56 7.52
C SER A 108 2.35 -2.38 6.05
N GLN A 109 3.34 -3.08 5.54
CA GLN A 109 3.73 -2.92 4.15
C GLN A 109 2.63 -3.37 3.21
N PHE A 110 2.46 -2.62 2.12
CA PHE A 110 1.38 -2.84 1.16
C PHE A 110 1.90 -2.48 -0.22
N PHE A 111 1.12 -2.84 -1.24
CA PHE A 111 1.47 -2.45 -2.60
C PHE A 111 0.22 -2.16 -3.41
N ILE A 112 0.41 -1.33 -4.43
CA ILE A 112 -0.61 -1.02 -5.43
C ILE A 112 -0.12 -1.56 -6.76
N CYS A 113 -0.90 -2.47 -7.34
CA CYS A 113 -0.51 -3.09 -8.60
C CYS A 113 -0.61 -2.09 -9.76
N THR A 114 0.28 -2.24 -10.73
CA THR A 114 0.18 -1.49 -11.98
C THR A 114 -0.05 -2.42 -13.16
N ILE A 115 -0.34 -3.69 -12.88
CA ILE A 115 -0.64 -4.70 -13.88
C ILE A 115 -1.40 -5.78 -13.15
N LYS A 116 -2.07 -6.66 -13.89
CA LYS A 116 -2.59 -7.88 -13.31
C LYS A 116 -1.45 -8.74 -12.78
N THR A 117 -1.36 -8.92 -11.46
CA THR A 117 -0.32 -9.77 -10.87
C THR A 117 -0.91 -11.09 -10.39
N ASP A 118 -1.45 -11.88 -11.33
CA ASP A 118 -2.19 -13.08 -10.99
C ASP A 118 -1.35 -14.11 -10.27
N TRP A 119 -0.03 -14.10 -10.47
CA TRP A 119 0.83 -15.06 -9.79
C TRP A 119 0.91 -14.81 -8.29
N LEU A 120 0.37 -13.69 -7.81
CA LEU A 120 0.31 -13.42 -6.38
C LEU A 120 -1.00 -13.86 -5.75
N ASP A 121 -1.97 -14.29 -6.56
CA ASP A 121 -3.23 -14.80 -6.02
C ASP A 121 -2.96 -15.97 -5.09
N GLY A 122 -3.56 -15.93 -3.90
CA GLY A 122 -3.36 -16.98 -2.92
C GLY A 122 -2.11 -16.83 -2.08
N LYS A 123 -1.31 -15.80 -2.35
CA LYS A 123 -0.09 -15.53 -1.60
C LYS A 123 -0.11 -14.19 -0.89
N HIS A 124 -0.79 -13.18 -1.43
CA HIS A 124 -0.93 -11.87 -0.82
C HIS A 124 -2.41 -11.53 -0.69
N VAL A 125 -2.77 -10.97 0.45
CA VAL A 125 -4.17 -10.64 0.74
C VAL A 125 -4.53 -9.31 0.06
N VAL A 126 -5.40 -9.38 -0.93
CA VAL A 126 -5.96 -8.17 -1.56
C VAL A 126 -7.03 -7.60 -0.65
N PHE A 127 -7.03 -6.27 -0.46
CA PHE A 127 -8.02 -5.68 0.42
C PHE A 127 -8.55 -4.32 -0.04
N GLY A 128 -8.29 -3.89 -1.26
CA GLY A 128 -8.87 -2.64 -1.71
C GLY A 128 -8.52 -2.35 -3.15
N HIS A 129 -8.89 -1.14 -3.58
CA HIS A 129 -8.68 -0.71 -4.97
C HIS A 129 -8.63 0.80 -5.05
N VAL A 130 -7.86 1.30 -6.01
CA VAL A 130 -7.83 2.72 -6.31
C VAL A 130 -9.14 3.13 -6.97
N ILE A 131 -9.76 4.20 -6.48
CA ILE A 131 -10.94 4.77 -7.11
C ILE A 131 -10.71 6.18 -7.66
N GLU A 132 -9.61 6.81 -7.30
CA GLU A 132 -9.25 8.13 -7.80
C GLU A 132 -7.73 8.22 -7.71
N GLY A 133 -7.10 8.81 -8.71
CA GLY A 133 -5.67 9.01 -8.66
C GLY A 133 -4.83 7.90 -9.24
N MET A 134 -5.39 7.05 -10.10
CA MET A 134 -4.54 6.09 -10.78
C MET A 134 -3.45 6.80 -11.56
N ASP A 135 -3.69 8.03 -12.02
CA ASP A 135 -2.64 8.76 -12.71
C ASP A 135 -1.49 9.11 -11.77
N VAL A 136 -1.78 9.31 -10.48
CA VAL A 136 -0.72 9.54 -9.51
C VAL A 136 0.10 8.27 -9.33
N VAL A 137 -0.57 7.12 -9.27
CA VAL A 137 0.14 5.85 -9.18
C VAL A 137 1.04 5.65 -10.39
N LYS A 138 0.55 6.04 -11.57
CA LYS A 138 1.39 5.91 -12.76
C LYS A 138 2.59 6.85 -12.71
N LYS A 139 2.45 8.03 -12.10
CA LYS A 139 3.60 8.90 -11.91
C LYS A 139 4.61 8.27 -10.94
N ILE A 140 4.12 7.70 -9.84
CA ILE A 140 5.01 6.98 -8.93
C ILE A 140 5.77 5.90 -9.70
N GLU A 141 5.04 5.10 -10.48
CA GLU A 141 5.63 4.02 -11.26
C GLU A 141 6.73 4.56 -12.17
N SER A 142 6.49 5.76 -12.73
CA SER A 142 7.45 6.45 -13.60
C SER A 142 8.81 6.67 -12.98
N PHE A 143 8.91 6.66 -11.65
CA PHE A 143 10.14 6.89 -10.92
C PHE A 143 10.75 5.58 -10.42
N GLY A 144 10.23 4.45 -10.87
CA GLY A 144 10.77 3.15 -10.49
C GLY A 144 11.85 2.68 -11.44
N SER A 145 12.20 1.41 -11.27
CA SER A 145 13.33 0.82 -12.00
C SER A 145 13.21 -0.69 -11.91
N LYS A 146 14.03 -1.37 -12.71
CA LYS A 146 14.08 -2.83 -12.69
C LYS A 146 14.37 -3.35 -11.28
N SER A 147 15.32 -2.73 -10.58
CA SER A 147 15.67 -3.17 -9.24
C SER A 147 14.61 -2.79 -8.23
N GLY A 148 13.79 -1.80 -8.55
CA GLY A 148 12.82 -1.26 -7.62
C GLY A 148 13.29 -0.02 -6.91
N ARG A 149 14.57 0.33 -6.99
CA ARG A 149 15.05 1.57 -6.40
C ARG A 149 14.43 2.74 -7.13
N THR A 150 13.98 3.74 -6.39
CA THR A 150 13.31 4.89 -6.99
C THR A 150 14.33 5.97 -7.37
N SER A 151 14.01 6.72 -8.43
CA SER A 151 14.90 7.78 -8.90
C SER A 151 14.61 9.12 -8.24
N LYS A 152 13.53 9.20 -7.47
CA LYS A 152 13.23 10.31 -6.59
C LYS A 152 12.70 9.71 -5.30
N LYS A 153 12.75 10.49 -4.22
CA LYS A 153 12.18 10.04 -2.96
C LYS A 153 10.67 10.27 -2.98
N ILE A 154 9.91 9.18 -2.90
CA ILE A 154 8.46 9.20 -3.05
C ILE A 154 7.87 9.10 -1.64
N VAL A 155 7.22 10.16 -1.17
CA VAL A 155 6.80 10.28 0.23
C VAL A 155 5.28 10.40 0.31
N ILE A 156 4.69 9.69 1.26
CA ILE A 156 3.29 9.89 1.63
C ILE A 156 3.27 11.09 2.55
N THR A 157 3.04 12.28 1.97
CA THR A 157 3.11 13.53 2.73
C THR A 157 1.98 13.64 3.75
N ASP A 158 0.82 13.12 3.40
CA ASP A 158 -0.35 13.12 4.27
C ASP A 158 -1.20 11.93 3.88
N CYS A 159 -2.00 11.47 4.83
CA CYS A 159 -2.91 10.36 4.59
C CYS A 159 -3.98 10.39 5.68
N GLY A 160 -5.09 9.72 5.41
CA GLY A 160 -6.20 9.79 6.33
C GLY A 160 -7.42 9.10 5.77
N GLN A 161 -8.50 9.25 6.52
CA GLN A 161 -9.79 8.66 6.14
C GLN A 161 -10.70 9.75 5.61
N LEU A 162 -11.39 9.45 4.51
CA LEU A 162 -12.40 10.33 3.94
C LEU A 162 -13.80 10.00 4.43
N SER A 163 -14.21 8.74 4.30
CA SER A 163 -15.53 8.30 4.75
C SER A 163 -15.45 6.85 5.22
#